data_3BZ5
#
_entry.id   3BZ5
#
_cell.length_a   159.272
_cell.length_b   159.272
_cell.length_c   159.272
_cell.angle_alpha   90.00
_cell.angle_beta   90.00
_cell.angle_gamma   90.00
#
_symmetry.space_group_name_H-M   'I 2 3'
#
loop_
_entity.id
_entity.type
_entity.pdbx_description
1 polymer Internalin-J
2 non-polymer 'SULFATE ION'
3 non-polymer 'CHLORIDE ION'
4 water water
#
_entity_poly.entity_id   1
_entity_poly.type   'polypeptide(L)'
_entity_poly.pdbx_seq_one_letter_code
;NTLKAGQTQSFNDWFPDDNFASEVAAAFEMQATDTISEEQLATLTSLDCHNSSITDMTGIEKLTGLTKLICTSNNITTLD
LSQNTNLTYLACDSNKLTNLDVTPLTKLTYLNCDTNKLTKLDVSQNPLLTYLNCARNTLTEIDVSHNTQLTELDCHLNKK
ITKLDVTPQTQLTTLDCSFNKITELDVSQNKLLNRLNCDTNNITKLDLNQNIQLTFLDCSSNKLTEIDVTPLTQLTYFDC
SVNPLTELDVSTLSKLTTLHCIQTDLLEIDLTHNTQLIYFQAEGCRKIKELDVTHNTQLYLLDCQAAGITELDLSQNPKL
VYLYLNNTELTELDVSHNTKLKSLSCVNAHIQDFSSVGKIPALNNNFEAEGQTITMPKETLTNNSLTIAVSPDLLDQFGN
PMNIEPGDGGVYDQATNTITWENLSTDNPAVTYTFTSENGAIVGTVTTPFEAPQPIK
;
_entity_poly.pdbx_strand_id   A
#
loop_
_chem_comp.id
_chem_comp.type
_chem_comp.name
_chem_comp.formula
CL non-polymer 'CHLORIDE ION' 'Cl -1'
SO4 non-polymer 'SULFATE ION' 'O4 S -2'
#
# COMPACT_ATOMS: atom_id res chain seq x y z
N THR A 2 -28.26 -25.53 -44.93
CA THR A 2 -28.59 -26.77 -44.18
C THR A 2 -28.17 -26.61 -42.73
N LEU A 3 -29.13 -26.68 -41.79
CA LEU A 3 -28.80 -26.74 -40.36
C LEU A 3 -28.92 -28.21 -39.92
N LYS A 4 -27.75 -28.87 -39.94
CA LYS A 4 -27.54 -30.25 -39.52
C LYS A 4 -27.62 -30.39 -38.02
N ALA A 5 -28.29 -31.44 -37.56
CA ALA A 5 -28.40 -31.74 -36.13
C ALA A 5 -27.05 -32.21 -35.58
N GLY A 6 -26.49 -33.20 -36.26
CA GLY A 6 -25.22 -33.82 -35.88
C GLY A 6 -25.51 -34.94 -34.91
N GLN A 7 -24.49 -35.43 -34.22
CA GLN A 7 -24.67 -36.49 -33.23
C GLN A 7 -25.47 -36.00 -32.05
N THR A 8 -26.19 -36.92 -31.39
CA THR A 8 -26.94 -36.64 -30.17
C THR A 8 -26.41 -37.60 -29.14
N GLN A 9 -25.91 -37.05 -28.03
CA GLN A 9 -25.37 -37.86 -26.91
C GLN A 9 -25.36 -37.12 -25.59
N SER A 10 -25.14 -37.88 -24.50
CA SER A 10 -25.09 -37.35 -23.14
C SER A 10 -24.04 -36.27 -23.02
N PHE A 11 -24.26 -35.29 -22.12
CA PHE A 11 -23.19 -34.30 -21.84
C PHE A 11 -21.90 -35.00 -21.40
N ASN A 12 -22.07 -36.07 -20.59
CA ASN A 12 -20.94 -36.91 -20.12
C ASN A 12 -20.12 -37.49 -21.29
N ASP A 13 -20.79 -37.81 -22.41
CA ASP A 13 -20.11 -38.29 -23.65
C ASP A 13 -19.52 -37.12 -24.50
N TRP A 14 -20.16 -35.95 -24.44
CA TRP A 14 -19.58 -34.75 -25.11
C TRP A 14 -18.32 -34.18 -24.43
N PHE A 15 -18.37 -34.16 -23.11
CA PHE A 15 -17.36 -33.57 -22.25
C PHE A 15 -16.78 -34.67 -21.34
N PRO A 16 -15.58 -35.17 -21.65
CA PRO A 16 -14.95 -36.24 -20.82
C PRO A 16 -14.81 -35.94 -19.32
N ASP A 17 -14.54 -34.66 -18.98
CA ASP A 17 -14.38 -34.23 -17.60
C ASP A 17 -15.79 -34.18 -17.02
N ASP A 18 -16.02 -34.98 -15.98
CA ASP A 18 -17.32 -35.08 -15.29
C ASP A 18 -17.81 -33.77 -14.80
N ASN A 19 -16.94 -33.07 -14.08
CA ASN A 19 -17.30 -31.74 -13.53
C ASN A 19 -17.60 -30.71 -14.62
N PHE A 20 -16.92 -30.81 -15.77
CA PHE A 20 -17.17 -29.89 -16.87
C PHE A 20 -18.52 -30.21 -17.55
N ALA A 21 -18.74 -31.48 -17.85
CA ALA A 21 -19.99 -31.97 -18.44
C ALA A 21 -21.19 -31.52 -17.60
N SER A 22 -21.05 -31.71 -16.30
CA SER A 22 -22.06 -31.35 -15.32
C SER A 22 -22.36 -29.83 -15.30
N GLU A 23 -21.34 -29.00 -15.53
CA GLU A 23 -21.52 -27.52 -15.62
C GLU A 23 -22.14 -27.12 -16.93
N VAL A 24 -21.66 -27.71 -18.04
CA VAL A 24 -22.27 -27.43 -19.36
C VAL A 24 -23.77 -27.81 -19.35
N ALA A 25 -24.12 -28.94 -18.71
CA ALA A 25 -25.50 -29.40 -18.54
C ALA A 25 -26.31 -28.37 -17.84
N ALA A 26 -25.83 -27.93 -16.67
CA ALA A 26 -26.54 -26.89 -15.88
C ALA A 26 -26.75 -25.57 -16.70
N ALA A 27 -25.82 -25.26 -17.61
CA ALA A 27 -25.99 -24.14 -18.54
C ALA A 27 -27.29 -24.27 -19.35
N PHE A 28 -27.63 -25.50 -19.79
CA PHE A 28 -28.93 -25.81 -20.43
C PHE A 28 -30.08 -26.22 -19.45
N GLU A 29 -29.81 -26.12 -18.13
CA GLU A 29 -30.68 -26.64 -17.02
C GLU A 29 -31.07 -28.09 -17.33
N MET A 30 -30.05 -28.91 -17.45
CA MET A 30 -30.16 -30.34 -17.67
C MET A 30 -29.17 -31.05 -16.78
N GLN A 31 -29.34 -32.36 -16.69
CA GLN A 31 -28.45 -33.26 -15.96
C GLN A 31 -27.31 -33.65 -16.91
N ALA A 32 -26.20 -34.12 -16.35
CA ALA A 32 -25.05 -34.65 -17.17
C ALA A 32 -25.43 -35.84 -18.12
N THR A 33 -26.36 -36.70 -17.65
CA THR A 33 -26.86 -37.89 -18.41
C THR A 33 -27.99 -37.64 -19.48
N ASP A 34 -28.44 -36.40 -19.59
CA ASP A 34 -29.39 -36.03 -20.63
C ASP A 34 -28.62 -35.87 -21.93
N THR A 35 -29.28 -36.21 -23.04
CA THR A 35 -28.68 -36.18 -24.35
C THR A 35 -29.02 -34.85 -25.03
N ILE A 36 -28.14 -34.45 -25.95
CA ILE A 36 -28.23 -33.14 -26.61
C ILE A 36 -27.48 -33.21 -27.91
N SER A 37 -27.87 -32.38 -28.89
CA SER A 37 -27.29 -32.42 -30.26
C SER A 37 -26.19 -31.39 -30.49
N GLU A 38 -25.39 -31.56 -31.55
CA GLU A 38 -24.36 -30.54 -31.95
C GLU A 38 -25.02 -29.18 -32.24
N GLU A 39 -26.12 -29.21 -32.99
CA GLU A 39 -26.93 -28.03 -33.26
C GLU A 39 -27.50 -27.41 -31.98
N GLN A 40 -27.95 -28.23 -31.03
CA GLN A 40 -28.41 -27.72 -29.71
C GLN A 40 -27.22 -27.08 -28.93
N LEU A 41 -26.11 -27.81 -28.85
CA LEU A 41 -24.90 -27.30 -28.17
C LEU A 41 -24.43 -25.93 -28.71
N ALA A 42 -24.51 -25.76 -30.03
CA ALA A 42 -24.11 -24.50 -30.68
C ALA A 42 -24.94 -23.24 -30.33
N THR A 43 -26.13 -23.40 -29.71
CA THR A 43 -27.05 -22.27 -29.31
C THR A 43 -26.71 -21.49 -28.01
N LEU A 44 -25.78 -22.04 -27.20
CA LEU A 44 -25.33 -21.49 -25.94
C LEU A 44 -24.37 -20.33 -26.20
N THR A 45 -24.74 -19.15 -25.75
CA THR A 45 -23.96 -17.93 -25.95
C THR A 45 -23.11 -17.52 -24.77
N SER A 46 -23.35 -18.16 -23.61
CA SER A 46 -22.68 -17.83 -22.38
C SER A 46 -22.56 -19.04 -21.47
N LEU A 47 -21.34 -19.21 -20.88
CA LEU A 47 -21.00 -20.32 -19.97
C LEU A 47 -20.16 -19.83 -18.80
N ASP A 48 -20.56 -20.21 -17.56
CA ASP A 48 -19.83 -19.93 -16.31
C ASP A 48 -19.64 -21.23 -15.47
N CYS A 49 -18.39 -21.75 -15.43
CA CYS A 49 -18.04 -22.97 -14.63
C CYS A 49 -16.92 -22.72 -13.61
N HIS A 50 -16.88 -21.50 -13.08
CA HIS A 50 -15.83 -21.12 -12.12
C HIS A 50 -15.86 -21.98 -10.87
N ASN A 51 -14.70 -22.23 -10.27
CA ASN A 51 -14.61 -22.94 -8.95
C ASN A 51 -15.33 -24.26 -8.96
N SER A 52 -15.01 -25.09 -9.95
CA SER A 52 -15.70 -26.40 -10.15
C SER A 52 -14.81 -27.64 -10.20
N SER A 53 -13.51 -27.55 -9.84
CA SER A 53 -12.59 -28.70 -9.91
C SER A 53 -12.50 -29.36 -11.34
N ILE A 54 -12.41 -28.51 -12.36
CA ILE A 54 -12.30 -28.92 -13.75
C ILE A 54 -10.83 -28.95 -14.13
N THR A 55 -10.32 -30.09 -14.55
CA THR A 55 -8.93 -30.20 -15.09
C THR A 55 -8.85 -30.13 -16.66
N ASP A 56 -9.93 -30.57 -17.34
CA ASP A 56 -10.01 -30.71 -18.80
C ASP A 56 -11.29 -30.11 -19.45
N MET A 57 -11.03 -29.19 -20.36
CA MET A 57 -12.06 -28.46 -21.11
C MET A 57 -12.29 -29.03 -22.53
N THR A 58 -11.89 -30.28 -22.75
CA THR A 58 -12.10 -30.89 -24.03
C THR A 58 -13.64 -31.07 -24.18
N GLY A 59 -14.13 -30.71 -25.38
CA GLY A 59 -15.56 -30.60 -25.70
C GLY A 59 -15.96 -29.13 -25.90
N ILE A 60 -15.22 -28.17 -25.32
CA ILE A 60 -15.48 -26.74 -25.53
C ILE A 60 -15.60 -26.37 -27.03
N GLU A 61 -14.83 -27.04 -27.91
CA GLU A 61 -14.90 -26.84 -29.37
C GLU A 61 -16.31 -26.98 -29.98
N LYS A 62 -17.18 -27.71 -29.30
CA LYS A 62 -18.59 -27.90 -29.72
C LYS A 62 -19.58 -26.79 -29.27
N LEU A 63 -19.19 -25.94 -28.34
CA LEU A 63 -19.98 -24.80 -27.86
C LEU A 63 -19.58 -23.56 -28.67
N THR A 64 -19.95 -23.56 -29.96
CA THR A 64 -19.48 -22.54 -30.95
C THR A 64 -20.29 -21.22 -30.96
N GLY A 65 -21.47 -21.23 -30.34
CA GLY A 65 -22.25 -20.01 -30.15
C GLY A 65 -21.74 -19.11 -29.04
N LEU A 66 -20.82 -19.62 -28.18
CA LEU A 66 -20.27 -18.92 -27.01
C LEU A 66 -19.65 -17.58 -27.31
N THR A 67 -20.27 -16.51 -26.81
CA THR A 67 -19.71 -15.17 -26.81
C THR A 67 -18.98 -14.83 -25.45
N LYS A 68 -19.26 -15.58 -24.37
CA LYS A 68 -18.68 -15.38 -23.02
C LYS A 68 -18.30 -16.71 -22.31
N LEU A 69 -17.05 -16.82 -21.85
CA LEU A 69 -16.60 -18.00 -21.13
C LEU A 69 -15.89 -17.55 -19.86
N ILE A 70 -16.41 -18.01 -18.72
CA ILE A 70 -15.78 -17.86 -17.41
C ILE A 70 -15.40 -19.30 -16.90
N CYS A 71 -14.10 -19.55 -16.80
CA CYS A 71 -13.58 -20.80 -16.24
C CYS A 71 -12.58 -20.52 -15.11
N THR A 72 -12.80 -19.41 -14.38
CA THR A 72 -11.96 -18.96 -13.25
C THR A 72 -11.88 -19.98 -12.15
N SER A 73 -10.74 -20.08 -11.49
CA SER A 73 -10.61 -20.95 -10.28
C SER A 73 -10.92 -22.43 -10.60
N ASN A 74 -10.17 -22.97 -11.53
CA ASN A 74 -10.20 -24.39 -11.90
C ASN A 74 -8.75 -24.86 -11.97
N ASN A 75 -8.52 -26.09 -12.41
CA ASN A 75 -7.17 -26.65 -12.55
C ASN A 75 -6.78 -26.94 -14.03
N ILE A 76 -7.24 -26.05 -14.93
CA ILE A 76 -7.08 -26.23 -16.38
C ILE A 76 -5.64 -25.97 -16.84
N THR A 77 -5.00 -26.98 -17.44
CA THR A 77 -3.62 -26.90 -17.98
C THR A 77 -3.49 -26.53 -19.50
N THR A 78 -4.60 -26.63 -20.25
CA THR A 78 -4.67 -26.23 -21.66
C THR A 78 -6.14 -25.85 -22.02
N LEU A 79 -6.32 -24.89 -22.93
CA LEU A 79 -7.67 -24.49 -23.39
C LEU A 79 -7.59 -24.20 -24.89
N ASP A 80 -8.07 -25.18 -25.69
CA ASP A 80 -8.15 -25.01 -27.13
C ASP A 80 -9.47 -24.31 -27.45
N LEU A 81 -9.37 -23.01 -27.78
CA LEU A 81 -10.54 -22.19 -28.14
C LEU A 81 -10.57 -21.87 -29.62
N SER A 82 -9.85 -22.63 -30.44
CA SER A 82 -9.77 -22.35 -31.90
C SER A 82 -11.10 -22.38 -32.65
N GLN A 83 -12.09 -23.12 -32.13
CA GLN A 83 -13.46 -23.17 -32.72
C GLN A 83 -14.46 -22.20 -32.07
N ASN A 84 -14.12 -21.61 -30.92
CA ASN A 84 -14.99 -20.66 -30.20
C ASN A 84 -14.77 -19.20 -30.66
N THR A 85 -14.72 -19.00 -31.98
CA THR A 85 -14.33 -17.69 -32.59
C THR A 85 -15.33 -16.50 -32.43
N ASN A 86 -16.56 -16.77 -31.97
CA ASN A 86 -17.53 -15.74 -31.56
C ASN A 86 -17.33 -15.15 -30.11
N LEU A 87 -16.34 -15.64 -29.36
CA LEU A 87 -16.05 -15.11 -28.00
C LEU A 87 -15.68 -13.61 -28.02
N THR A 88 -16.37 -12.82 -27.20
CA THR A 88 -16.01 -11.40 -26.90
C THR A 88 -15.43 -11.22 -25.45
N TYR A 89 -15.76 -12.12 -24.52
CA TYR A 89 -15.31 -12.10 -23.15
C TYR A 89 -14.72 -13.45 -22.75
N LEU A 90 -13.45 -13.49 -22.31
CA LEU A 90 -12.82 -14.70 -21.76
C LEU A 90 -12.14 -14.51 -20.37
N ALA A 91 -12.71 -15.08 -19.30
CA ALA A 91 -12.04 -15.13 -17.96
C ALA A 91 -11.56 -16.56 -17.70
N CYS A 92 -10.24 -16.80 -17.88
CA CYS A 92 -9.57 -18.08 -17.54
C CYS A 92 -8.52 -17.95 -16.39
N ASP A 93 -8.72 -16.92 -15.59
CA ASP A 93 -7.84 -16.63 -14.48
C ASP A 93 -7.88 -17.69 -13.37
N SER A 94 -6.78 -17.86 -12.66
CA SER A 94 -6.68 -18.85 -11.54
C SER A 94 -6.91 -20.28 -12.05
N ASN A 95 -6.01 -20.64 -12.96
CA ASN A 95 -5.90 -21.95 -13.55
C ASN A 95 -4.43 -22.34 -13.57
N LYS A 96 -4.09 -23.40 -14.31
CA LYS A 96 -2.68 -23.85 -14.42
C LYS A 96 -2.22 -23.85 -15.86
N LEU A 97 -2.63 -22.81 -16.61
CA LEU A 97 -2.34 -22.72 -18.04
C LEU A 97 -0.89 -22.37 -18.27
N THR A 98 -0.16 -23.24 -18.98
CA THR A 98 1.25 -22.97 -19.38
C THR A 98 1.34 -22.17 -20.70
N ASN A 99 0.28 -22.23 -21.50
CA ASN A 99 0.12 -21.45 -22.74
C ASN A 99 -1.37 -21.22 -23.07
N LEU A 100 -1.64 -20.16 -23.81
CA LEU A 100 -2.99 -19.82 -24.20
C LEU A 100 -2.94 -19.07 -25.52
N ASP A 101 -3.49 -19.69 -26.58
CA ASP A 101 -3.60 -19.07 -27.88
C ASP A 101 -4.96 -18.34 -27.96
N VAL A 102 -4.96 -17.02 -28.16
CA VAL A 102 -6.19 -16.19 -28.42
C VAL A 102 -6.17 -15.49 -29.80
N THR A 103 -5.22 -15.88 -30.66
CA THR A 103 -5.09 -15.38 -32.04
C THR A 103 -6.32 -15.69 -32.94
N PRO A 104 -7.01 -16.84 -32.74
CA PRO A 104 -8.25 -16.96 -33.54
C PRO A 104 -9.42 -16.13 -33.03
N LEU A 105 -9.37 -15.66 -31.80
CA LEU A 105 -10.49 -14.93 -31.19
C LEU A 105 -10.47 -13.46 -31.58
N THR A 106 -10.75 -13.20 -32.85
CA THR A 106 -10.66 -11.84 -33.43
C THR A 106 -11.74 -10.82 -32.97
N LYS A 107 -12.79 -11.30 -32.31
CA LYS A 107 -13.86 -10.43 -31.73
C LYS A 107 -13.72 -10.18 -30.17
N LEU A 108 -12.56 -10.55 -29.63
CA LEU A 108 -12.29 -10.51 -28.19
C LEU A 108 -12.13 -9.07 -27.71
N THR A 109 -12.90 -8.68 -26.67
CA THR A 109 -12.82 -7.34 -26.02
C THR A 109 -12.44 -7.32 -24.50
N TYR A 110 -12.47 -8.49 -23.86
CA TYR A 110 -12.15 -8.70 -22.47
C TYR A 110 -11.44 -10.00 -22.32
N LEU A 111 -10.23 -9.95 -21.77
CA LEU A 111 -9.39 -11.12 -21.55
C LEU A 111 -8.73 -11.03 -20.18
N ASN A 112 -9.05 -11.99 -19.30
CA ASN A 112 -8.48 -12.11 -17.95
C ASN A 112 -7.90 -13.51 -17.78
N CYS A 113 -6.56 -13.60 -17.86
CA CYS A 113 -5.80 -14.83 -17.62
C CYS A 113 -4.88 -14.70 -16.37
N ASP A 114 -5.32 -13.91 -15.40
CA ASP A 114 -4.61 -13.64 -14.15
C ASP A 114 -4.34 -14.96 -13.41
N THR A 115 -3.16 -15.10 -12.83
CA THR A 115 -2.76 -16.29 -12.05
C THR A 115 -2.83 -17.55 -12.89
N ASN A 116 -1.83 -17.67 -13.73
CA ASN A 116 -1.60 -18.86 -14.57
C ASN A 116 -0.08 -19.01 -14.63
N LYS A 117 0.43 -19.83 -15.55
CA LYS A 117 1.90 -20.08 -15.69
C LYS A 117 2.35 -19.75 -17.10
N LEU A 118 1.91 -18.62 -17.64
CA LEU A 118 2.23 -18.26 -19.01
C LEU A 118 3.58 -17.63 -19.04
N THR A 119 4.36 -17.99 -20.08
CA THR A 119 5.70 -17.38 -20.38
C THR A 119 5.69 -16.45 -21.61
N LYS A 120 4.73 -16.67 -22.53
CA LYS A 120 4.44 -15.79 -23.68
C LYS A 120 2.95 -15.45 -23.62
N LEU A 121 2.52 -14.38 -24.30
CA LEU A 121 1.07 -14.09 -24.50
C LEU A 121 0.91 -13.15 -25.72
N ASP A 122 0.28 -13.67 -26.77
CA ASP A 122 0.14 -13.01 -28.06
C ASP A 122 -1.29 -12.47 -28.27
N VAL A 123 -1.45 -11.19 -27.92
CA VAL A 123 -2.75 -10.46 -28.15
C VAL A 123 -2.72 -9.57 -29.41
N SER A 124 -1.75 -9.80 -30.31
CA SER A 124 -1.65 -9.00 -31.55
C SER A 124 -2.81 -9.17 -32.57
N GLN A 125 -3.65 -10.21 -32.43
CA GLN A 125 -4.83 -10.45 -33.29
C GLN A 125 -6.17 -10.09 -32.65
N ASN A 126 -6.10 -9.27 -31.60
CA ASN A 126 -7.27 -8.81 -30.87
C ASN A 126 -7.41 -7.26 -30.94
N PRO A 127 -7.67 -6.67 -32.13
CA PRO A 127 -7.78 -5.20 -32.27
C PRO A 127 -8.94 -4.50 -31.52
N LEU A 128 -9.95 -5.25 -31.04
CA LEU A 128 -11.04 -4.71 -30.19
C LEU A 128 -10.83 -4.90 -28.68
N LEU A 129 -9.61 -5.29 -28.25
CA LEU A 129 -9.31 -5.49 -26.82
C LEU A 129 -9.45 -4.20 -26.03
N THR A 130 -10.20 -4.25 -24.93
CA THR A 130 -10.35 -3.09 -24.01
C THR A 130 -9.86 -3.38 -22.56
N TYR A 131 -9.93 -4.65 -22.13
CA TYR A 131 -9.45 -5.10 -20.80
C TYR A 131 -8.53 -6.31 -20.95
N LEU A 132 -7.23 -6.08 -20.84
CA LEU A 132 -6.22 -7.14 -20.81
C LEU A 132 -5.71 -7.24 -19.38
N ASN A 133 -5.83 -8.43 -18.78
CA ASN A 133 -5.26 -8.72 -17.49
C ASN A 133 -4.46 -10.05 -17.55
N CYS A 134 -3.15 -9.92 -17.74
CA CYS A 134 -2.22 -11.03 -17.62
C CYS A 134 -1.38 -10.87 -16.35
N ALA A 135 -2.02 -10.47 -15.26
CA ALA A 135 -1.33 -10.40 -13.99
C ALA A 135 -0.92 -11.80 -13.55
N ARG A 136 -0.02 -11.82 -12.57
CA ARG A 136 0.50 -13.04 -11.94
C ARG A 136 0.81 -14.25 -12.87
N ASN A 137 1.51 -13.95 -13.96
CA ASN A 137 2.10 -14.94 -14.86
C ASN A 137 3.63 -14.89 -14.74
N THR A 138 4.36 -15.54 -15.64
CA THR A 138 5.83 -15.48 -15.63
C THR A 138 6.29 -14.92 -16.99
N LEU A 139 5.66 -13.81 -17.41
CA LEU A 139 5.98 -13.10 -18.67
C LEU A 139 7.25 -12.25 -18.51
N THR A 140 7.99 -12.06 -19.61
CA THR A 140 9.18 -11.17 -19.69
C THR A 140 8.95 -9.92 -20.53
N GLU A 141 7.94 -9.95 -21.39
CA GLU A 141 7.50 -8.79 -22.18
C GLU A 141 5.97 -8.87 -22.44
N ILE A 142 5.33 -7.78 -22.89
CA ILE A 142 3.91 -7.82 -23.35
C ILE A 142 3.64 -6.82 -24.45
N ASP A 143 3.64 -7.32 -25.69
CA ASP A 143 3.39 -6.46 -26.81
C ASP A 143 1.86 -6.19 -26.95
N VAL A 144 1.49 -4.95 -26.60
CA VAL A 144 0.15 -4.38 -26.82
C VAL A 144 0.13 -3.32 -27.99
N SER A 145 1.17 -3.29 -28.82
CA SER A 145 1.26 -2.30 -29.91
C SER A 145 0.08 -2.34 -30.94
N HIS A 146 -0.55 -3.50 -31.11
CA HIS A 146 -1.67 -3.69 -32.06
C HIS A 146 -3.06 -3.47 -31.44
N ASN A 147 -3.11 -3.37 -30.10
CA ASN A 147 -4.34 -3.25 -29.32
C ASN A 147 -4.62 -1.79 -29.00
N THR A 148 -5.07 -1.04 -30.01
CA THR A 148 -5.25 0.43 -29.87
C THR A 148 -6.47 0.92 -29.06
N GLN A 149 -7.42 0.05 -28.75
CA GLN A 149 -8.65 0.42 -28.01
C GLN A 149 -8.59 0.05 -26.53
N LEU A 150 -7.40 -0.19 -26.04
CA LEU A 150 -7.19 -0.73 -24.70
C LEU A 150 -7.42 0.40 -23.72
N THR A 151 -8.36 0.19 -22.79
CA THR A 151 -8.69 1.15 -21.71
C THR A 151 -8.04 0.77 -20.38
N GLU A 152 -7.90 -0.53 -20.12
CA GLU A 152 -7.25 -1.01 -18.90
C GLU A 152 -6.26 -2.09 -19.18
N LEU A 153 -5.04 -1.93 -18.66
CA LEU A 153 -3.97 -2.94 -18.78
C LEU A 153 -3.43 -3.28 -17.39
N ASP A 154 -3.48 -4.57 -17.02
CA ASP A 154 -2.96 -5.07 -15.76
C ASP A 154 -1.97 -6.19 -16.05
N CYS A 155 -0.67 -5.87 -16.02
CA CYS A 155 0.40 -6.89 -16.19
C CYS A 155 1.25 -6.96 -14.93
N HIS A 156 0.61 -6.74 -13.77
CA HIS A 156 1.30 -6.68 -12.51
C HIS A 156 1.67 -8.09 -12.03
N LEU A 157 2.76 -8.14 -11.27
CA LEU A 157 3.29 -9.37 -10.65
C LEU A 157 3.77 -10.47 -11.64
N ASN A 158 4.19 -10.06 -12.83
CA ASN A 158 4.92 -10.95 -13.76
C ASN A 158 6.41 -11.06 -13.38
N LYS A 159 6.89 -10.04 -12.67
CA LYS A 159 8.25 -9.95 -12.09
C LYS A 159 9.38 -9.61 -13.07
N LYS A 160 9.34 -10.13 -14.32
CA LYS A 160 10.47 -10.01 -15.27
C LYS A 160 10.32 -9.03 -16.43
N ILE A 161 9.25 -8.26 -16.43
CA ILE A 161 8.99 -7.28 -17.49
C ILE A 161 9.96 -6.10 -17.32
N THR A 162 10.77 -5.84 -18.32
CA THR A 162 11.74 -4.74 -18.29
C THR A 162 11.32 -3.59 -19.23
N LYS A 163 10.50 -3.85 -20.23
CA LYS A 163 10.04 -2.81 -21.15
C LYS A 163 8.51 -2.83 -21.15
N LEU A 164 7.88 -1.65 -21.12
CA LEU A 164 6.40 -1.52 -21.33
C LEU A 164 6.20 -0.33 -22.21
N ASP A 165 5.60 -0.55 -23.38
CA ASP A 165 5.30 0.52 -24.32
C ASP A 165 3.80 0.65 -24.42
N VAL A 166 3.24 1.74 -23.87
CA VAL A 166 1.79 2.09 -24.04
C VAL A 166 1.58 3.43 -24.82
N THR A 167 2.56 3.85 -25.63
CA THR A 167 2.44 5.07 -26.41
C THR A 167 1.29 5.00 -27.44
N PRO A 168 1.01 3.80 -28.03
CA PRO A 168 -0.18 3.73 -28.91
C PRO A 168 -1.55 3.63 -28.19
N GLN A 169 -1.60 3.37 -26.89
CA GLN A 169 -2.87 3.17 -26.19
C GLN A 169 -3.46 4.48 -25.70
N THR A 170 -3.92 5.28 -26.66
CA THR A 170 -4.48 6.62 -26.38
C THR A 170 -5.75 6.64 -25.54
N GLN A 171 -6.45 5.51 -25.43
CA GLN A 171 -7.69 5.40 -24.61
C GLN A 171 -7.49 4.89 -23.17
N LEU A 172 -6.24 4.73 -22.76
CA LEU A 172 -5.94 4.08 -21.49
C LEU A 172 -6.40 4.96 -20.33
N THR A 173 -7.23 4.41 -19.46
CA THR A 173 -7.74 5.07 -18.28
C THR A 173 -7.15 4.47 -17.01
N THR A 174 -6.89 3.15 -16.98
CA THR A 174 -6.26 2.46 -15.84
C THR A 174 -5.00 1.69 -16.27
N LEU A 175 -3.87 1.85 -15.58
CA LEU A 175 -2.64 1.06 -15.84
C LEU A 175 -2.12 0.48 -14.54
N ASP A 176 -1.90 -0.83 -14.49
CA ASP A 176 -1.25 -1.47 -13.33
C ASP A 176 -0.08 -2.30 -13.84
N CYS A 177 1.12 -1.80 -13.70
CA CYS A 177 2.30 -2.58 -14.14
C CYS A 177 3.24 -2.82 -12.95
N SER A 178 2.62 -2.99 -11.76
CA SER A 178 3.38 -3.14 -10.51
C SER A 178 4.12 -4.47 -10.39
N PHE A 179 5.18 -4.47 -9.58
CA PHE A 179 6.00 -5.67 -9.31
C PHE A 179 6.55 -6.28 -10.60
N ASN A 180 7.31 -5.46 -11.33
CA ASN A 180 8.10 -5.87 -12.50
C ASN A 180 9.51 -5.27 -12.38
N LYS A 181 10.35 -5.32 -13.42
CA LYS A 181 11.64 -4.61 -13.46
C LYS A 181 11.56 -3.45 -14.50
N ILE A 182 10.43 -2.78 -14.63
CA ILE A 182 10.32 -1.70 -15.68
C ILE A 182 11.29 -0.55 -15.28
N THR A 183 12.09 -0.05 -16.25
CA THR A 183 13.04 1.09 -15.99
C THR A 183 12.62 2.45 -16.63
N GLU A 184 11.72 2.42 -17.61
CA GLU A 184 11.20 3.62 -18.29
C GLU A 184 9.73 3.45 -18.52
N LEU A 185 8.94 4.49 -18.20
CA LEU A 185 7.49 4.49 -18.48
C LEU A 185 7.10 5.83 -19.11
N ASP A 186 6.76 5.77 -20.39
CA ASP A 186 6.33 6.89 -21.17
C ASP A 186 4.80 6.84 -21.21
N VAL A 187 4.18 7.69 -20.40
CA VAL A 187 2.70 7.78 -20.33
C VAL A 187 2.17 9.12 -20.91
N SER A 188 2.95 9.73 -21.82
CA SER A 188 2.59 11.07 -22.35
C SER A 188 1.49 11.04 -23.39
N GLN A 189 1.25 9.89 -24.00
CA GLN A 189 0.16 9.79 -24.97
C GLN A 189 -1.14 9.34 -24.32
N ASN A 190 -1.11 9.00 -23.02
CA ASN A 190 -2.26 8.45 -22.28
C ASN A 190 -2.92 9.59 -21.52
N LYS A 191 -3.46 10.48 -22.33
CA LYS A 191 -4.02 11.75 -21.87
C LYS A 191 -5.28 11.55 -21.03
N LEU A 192 -6.02 10.47 -21.29
CA LEU A 192 -7.20 10.08 -20.50
C LEU A 192 -6.93 9.22 -19.24
N LEU A 193 -5.65 9.03 -18.85
CA LEU A 193 -5.31 8.18 -17.68
C LEU A 193 -5.88 8.76 -16.37
N ASN A 194 -6.41 7.87 -15.55
CA ASN A 194 -7.12 8.16 -14.33
C ASN A 194 -6.55 7.41 -13.12
N ARG A 195 -6.14 6.17 -13.30
CA ARG A 195 -5.53 5.36 -12.27
C ARG A 195 -4.18 4.86 -12.81
N LEU A 196 -3.07 5.11 -12.09
CA LEU A 196 -1.72 4.63 -12.49
C LEU A 196 -1.05 4.00 -11.29
N ASN A 197 -0.66 2.75 -11.44
CA ASN A 197 0.07 2.03 -10.44
C ASN A 197 1.25 1.45 -11.17
N CYS A 198 2.41 2.00 -10.91
CA CYS A 198 3.64 1.50 -11.50
C CYS A 198 4.64 1.17 -10.41
N ASP A 199 4.13 0.86 -9.19
CA ASP A 199 4.98 0.64 -8.03
C ASP A 199 5.78 -0.67 -8.12
N THR A 200 6.89 -0.71 -7.39
CA THR A 200 7.76 -1.88 -7.30
C THR A 200 8.30 -2.20 -8.69
N ASN A 201 9.05 -1.23 -9.21
CA ASN A 201 9.77 -1.28 -10.48
C ASN A 201 11.16 -0.57 -10.31
N ASN A 202 11.88 -0.30 -11.40
CA ASN A 202 13.18 0.39 -11.35
C ASN A 202 13.17 1.70 -12.15
N ILE A 203 12.05 2.45 -11.97
CA ILE A 203 11.77 3.69 -12.72
C ILE A 203 12.57 4.85 -12.04
N THR A 204 13.41 5.54 -12.82
CA THR A 204 14.29 6.62 -12.36
C THR A 204 13.74 8.03 -12.65
N LYS A 205 12.94 8.12 -13.71
CA LYS A 205 12.27 9.31 -14.17
C LYS A 205 10.81 8.99 -14.47
N LEU A 206 9.87 9.87 -14.13
CA LEU A 206 8.46 9.68 -14.47
C LEU A 206 7.83 11.04 -14.79
N ASP A 207 7.68 11.29 -16.09
CA ASP A 207 7.09 12.53 -16.59
C ASP A 207 5.58 12.37 -16.64
N LEU A 208 4.85 12.98 -15.72
CA LEU A 208 3.38 12.94 -15.69
C LEU A 208 2.66 14.24 -16.13
N ASN A 209 3.39 15.13 -16.83
CA ASN A 209 2.85 16.44 -17.25
C ASN A 209 1.60 16.40 -18.13
N GLN A 210 1.46 15.35 -18.97
CA GLN A 210 0.28 15.22 -19.88
C GLN A 210 -0.90 14.50 -19.28
N ASN A 211 -0.73 13.90 -18.10
CA ASN A 211 -1.73 13.05 -17.49
C ASN A 211 -2.50 13.85 -16.44
N ILE A 212 -3.01 15.01 -16.87
CA ILE A 212 -3.59 16.01 -15.94
C ILE A 212 -4.98 15.67 -15.37
N GLN A 213 -5.42 14.44 -15.62
CA GLN A 213 -6.63 13.95 -14.97
C GLN A 213 -6.46 12.60 -14.30
N LEU A 214 -5.28 12.37 -13.75
CA LEU A 214 -5.09 11.30 -12.83
C LEU A 214 -5.84 11.71 -11.52
N THR A 215 -6.56 10.75 -10.96
CA THR A 215 -7.16 10.83 -9.61
C THR A 215 -6.38 9.94 -8.61
N PHE A 216 -5.82 8.82 -9.08
CA PHE A 216 -5.03 7.87 -8.28
C PHE A 216 -3.63 7.63 -8.84
N LEU A 217 -2.60 7.91 -8.03
CA LEU A 217 -1.20 7.71 -8.43
C LEU A 217 -0.41 6.95 -7.37
N ASP A 218 0.19 5.82 -7.76
CA ASP A 218 1.13 5.10 -6.93
C ASP A 218 2.42 4.75 -7.71
N CYS A 219 3.49 5.50 -7.39
CA CYS A 219 4.84 5.29 -7.94
C CYS A 219 5.81 4.93 -6.83
N SER A 220 5.31 4.21 -5.81
CA SER A 220 6.11 3.83 -4.66
C SER A 220 7.09 2.71 -5.01
N SER A 221 8.11 2.55 -4.19
CA SER A 221 9.17 1.52 -4.41
C SER A 221 9.70 1.56 -5.82
N ASN A 222 10.21 2.73 -6.17
CA ASN A 222 10.92 2.96 -7.48
C ASN A 222 12.27 3.66 -7.21
N LYS A 223 12.95 4.25 -8.21
CA LYS A 223 14.27 4.99 -7.96
C LYS A 223 14.18 6.47 -8.41
N LEU A 224 13.01 7.08 -8.16
CA LEU A 224 12.76 8.45 -8.53
C LEU A 224 13.56 9.47 -7.64
N THR A 225 14.54 10.16 -8.23
CA THR A 225 15.27 11.23 -7.54
C THR A 225 14.41 12.52 -7.41
N GLU A 226 13.42 12.69 -8.31
CA GLU A 226 12.52 13.88 -8.36
C GLU A 226 11.22 13.56 -9.09
N ILE A 227 10.21 14.39 -8.88
CA ILE A 227 8.90 14.20 -9.53
C ILE A 227 8.09 15.47 -9.45
N ASP A 228 7.28 15.73 -10.46
CA ASP A 228 6.45 16.92 -10.54
C ASP A 228 4.99 16.49 -10.61
N VAL A 229 4.27 16.63 -9.50
CA VAL A 229 2.83 16.33 -9.45
C VAL A 229 2.03 17.61 -9.50
N THR A 230 2.67 18.78 -9.67
CA THR A 230 1.91 20.06 -9.67
C THR A 230 0.76 20.16 -10.75
N PRO A 231 0.95 19.57 -11.95
CA PRO A 231 -0.17 19.59 -12.93
C PRO A 231 -1.34 18.69 -12.62
N LEU A 232 -1.17 17.71 -11.74
CA LEU A 232 -2.17 16.69 -11.50
C LEU A 232 -3.18 17.19 -10.43
N THR A 233 -3.95 18.23 -10.79
CA THR A 233 -4.92 18.89 -9.87
C THR A 233 -6.12 18.04 -9.38
N GLN A 234 -6.46 16.95 -10.08
CA GLN A 234 -7.53 16.05 -9.63
C GLN A 234 -7.08 14.97 -8.63
N LEU A 235 -5.79 14.87 -8.24
CA LEU A 235 -5.37 13.71 -7.43
C LEU A 235 -6.07 13.70 -6.09
N THR A 236 -6.63 12.55 -5.71
CA THR A 236 -7.18 12.29 -4.33
C THR A 236 -6.31 11.32 -3.50
N TYR A 237 -5.59 10.43 -4.16
CA TYR A 237 -4.67 9.50 -3.53
C TYR A 237 -3.34 9.60 -4.26
N PHE A 238 -2.28 9.92 -3.51
CA PHE A 238 -0.90 9.99 -4.02
C PHE A 238 0.04 9.22 -3.14
N ASP A 239 0.77 8.26 -3.69
CA ASP A 239 1.77 7.44 -2.93
C ASP A 239 3.12 7.40 -3.68
N CYS A 240 4.13 8.09 -3.14
CA CYS A 240 5.52 8.07 -3.68
C CYS A 240 6.53 7.48 -2.71
N SER A 241 6.08 6.56 -1.87
CA SER A 241 6.93 6.00 -0.82
C SER A 241 8.08 5.16 -1.38
N VAL A 242 9.10 4.94 -0.58
CA VAL A 242 10.31 4.14 -1.00
C VAL A 242 10.92 4.63 -2.38
N ASN A 243 11.06 5.94 -2.49
CA ASN A 243 11.81 6.62 -3.55
C ASN A 243 12.79 7.57 -2.87
N PRO A 244 13.96 7.85 -3.49
CA PRO A 244 14.90 8.83 -2.93
C PRO A 244 14.60 10.27 -3.38
N LEU A 245 13.34 10.69 -3.24
CA LEU A 245 12.92 12.06 -3.52
C LEU A 245 13.39 12.91 -2.33
N THR A 246 13.87 14.13 -2.61
CA THR A 246 14.35 15.09 -1.60
C THR A 246 13.49 16.34 -1.51
N GLU A 247 12.51 16.47 -2.37
CA GLU A 247 11.63 17.62 -2.45
C GLU A 247 10.31 17.17 -3.12
N LEU A 248 9.16 17.51 -2.51
CA LEU A 248 7.82 17.17 -3.03
C LEU A 248 6.89 18.34 -2.84
N ASP A 249 6.20 18.73 -3.93
CA ASP A 249 5.29 19.86 -3.95
C ASP A 249 3.85 19.36 -4.24
N VAL A 250 3.08 19.26 -3.15
CA VAL A 250 1.65 18.91 -3.18
C VAL A 250 0.68 20.15 -3.03
N SER A 251 1.20 21.40 -3.11
CA SER A 251 0.33 22.65 -2.93
C SER A 251 -0.86 22.78 -3.88
N THR A 252 -0.71 22.30 -5.12
CA THR A 252 -1.81 22.32 -6.11
C THR A 252 -2.84 21.23 -5.91
N LEU A 253 -2.55 20.22 -5.06
CA LEU A 253 -3.43 19.03 -4.84
C LEU A 253 -4.55 19.30 -3.82
N SER A 254 -5.40 20.27 -4.17
CA SER A 254 -6.52 20.71 -3.32
C SER A 254 -7.49 19.56 -2.95
N LYS A 255 -7.68 18.61 -3.85
CA LYS A 255 -8.57 17.47 -3.62
C LYS A 255 -7.91 16.22 -2.91
N LEU A 256 -6.69 16.37 -2.41
CA LEU A 256 -5.95 15.23 -1.85
C LEU A 256 -6.56 14.75 -0.51
N THR A 257 -6.88 13.47 -0.45
CA THR A 257 -7.38 12.84 0.75
C THR A 257 -6.24 11.96 1.38
N THR A 258 -5.54 11.19 0.58
CA THR A 258 -4.48 10.29 1.08
C THR A 258 -3.13 10.70 0.50
N LEU A 259 -2.15 10.97 1.36
CA LEU A 259 -0.73 11.17 0.95
C LEU A 259 0.17 10.18 1.66
N HIS A 260 0.80 9.26 0.91
CA HIS A 260 1.81 8.37 1.50
C HIS A 260 3.19 8.78 0.94
N CYS A 261 4.15 9.09 1.82
CA CYS A 261 5.52 9.35 1.41
C CYS A 261 6.49 8.71 2.39
N ILE A 262 6.20 7.45 2.74
CA ILE A 262 7.03 6.60 3.61
C ILE A 262 8.41 6.46 3.03
N GLN A 263 9.45 6.49 3.87
CA GLN A 263 10.85 6.23 3.50
C GLN A 263 11.27 6.99 2.22
N THR A 264 11.10 8.30 2.26
CA THR A 264 11.58 9.23 1.24
C THR A 264 12.56 10.16 1.92
N ASP A 265 13.40 10.82 1.13
CA ASP A 265 14.49 11.68 1.63
C ASP A 265 14.15 13.19 1.74
N LEU A 266 12.88 13.50 1.98
CA LEU A 266 12.38 14.89 1.97
C LEU A 266 12.93 15.78 3.11
N LEU A 267 13.40 16.97 2.76
CA LEU A 267 13.98 17.92 3.72
C LEU A 267 12.87 18.71 4.45
N GLU A 268 11.76 18.92 3.72
CA GLU A 268 10.57 19.65 4.21
C GLU A 268 9.34 19.15 3.48
N ILE A 269 8.15 19.59 3.91
CA ILE A 269 6.88 19.20 3.29
C ILE A 269 5.78 20.18 3.68
N ASP A 270 5.09 20.74 2.68
CA ASP A 270 4.05 21.74 2.85
C ASP A 270 2.67 21.14 2.60
N LEU A 271 2.01 20.82 3.71
CA LEU A 271 0.67 20.27 3.69
C LEU A 271 -0.44 21.35 3.79
N THR A 272 -0.04 22.63 3.87
CA THR A 272 -1.00 23.72 4.24
C THR A 272 -2.19 23.99 3.26
N HIS A 273 -2.05 23.64 1.99
CA HIS A 273 -3.11 23.83 0.99
CA HIS A 273 -3.13 23.80 0.97
C HIS A 273 -4.00 22.55 0.80
N ASN A 274 -3.61 21.41 1.40
CA ASN A 274 -4.40 20.15 1.27
C ASN A 274 -5.43 20.05 2.40
N THR A 275 -6.42 20.94 2.33
CA THR A 275 -7.46 21.09 3.36
C THR A 275 -8.36 19.86 3.56
N GLN A 276 -8.48 19.04 2.53
CA GLN A 276 -9.27 17.85 2.59
C GLN A 276 -8.47 16.62 3.04
N LEU A 277 -7.18 16.76 3.41
CA LEU A 277 -6.29 15.60 3.74
C LEU A 277 -6.80 14.81 4.97
N ILE A 278 -7.00 13.51 4.79
CA ILE A 278 -7.50 12.59 5.85
C ILE A 278 -6.39 11.66 6.42
N TYR A 279 -5.53 11.14 5.53
CA TYR A 279 -4.41 10.24 5.84
C TYR A 279 -3.09 10.80 5.37
N PHE A 280 -2.15 11.02 6.29
CA PHE A 280 -0.77 11.39 5.96
C PHE A 280 0.08 10.34 6.66
N GLN A 281 0.66 9.44 5.87
CA GLN A 281 1.57 8.38 6.33
C GLN A 281 2.95 8.71 5.80
N ALA A 282 3.86 9.13 6.70
CA ALA A 282 5.24 9.53 6.33
C ALA A 282 6.37 8.95 7.22
N GLU A 283 6.21 7.70 7.65
CA GLU A 283 7.20 6.93 8.45
C GLU A 283 8.55 6.84 7.74
N GLY A 284 9.64 7.08 8.45
CA GLY A 284 10.99 7.01 7.87
C GLY A 284 11.40 8.26 7.10
N CYS A 285 10.72 9.40 7.32
CA CYS A 285 11.07 10.68 6.69
C CYS A 285 11.98 11.38 7.69
N ARG A 286 13.15 10.79 7.77
CA ARG A 286 14.14 11.11 8.76
C ARG A 286 14.70 12.55 8.61
N LYS A 287 14.83 13.05 7.39
CA LYS A 287 15.37 14.42 7.15
C LYS A 287 14.38 15.54 7.49
N ILE A 288 13.08 15.27 7.58
CA ILE A 288 12.08 16.30 7.91
C ILE A 288 12.33 16.73 9.33
N LYS A 289 12.33 18.04 9.56
CA LYS A 289 12.59 18.65 10.89
C LYS A 289 11.52 19.62 11.33
N GLU A 290 10.33 19.54 10.72
CA GLU A 290 9.22 20.44 10.98
C GLU A 290 7.95 19.91 10.30
N LEU A 291 6.81 19.91 11.01
CA LEU A 291 5.51 19.47 10.45
C LEU A 291 4.34 20.34 10.96
N ASP A 292 3.73 21.03 9.99
CA ASP A 292 2.61 21.92 10.18
C ASP A 292 1.37 21.25 9.54
N VAL A 293 0.66 20.50 10.39
CA VAL A 293 -0.65 19.92 10.07
C VAL A 293 -1.81 20.82 10.53
N THR A 294 -1.57 22.14 10.75
CA THR A 294 -2.62 23.05 11.29
C THR A 294 -3.78 23.34 10.31
N HIS A 295 -3.52 23.29 9.00
CA HIS A 295 -4.56 23.48 7.93
C HIS A 295 -5.29 22.20 7.54
N ASN A 296 -4.74 21.06 7.97
CA ASN A 296 -5.28 19.73 7.70
C ASN A 296 -6.28 19.35 8.81
N THR A 297 -7.40 20.06 8.82
CA THR A 297 -8.39 19.96 9.90
C THR A 297 -9.21 18.70 9.89
N GLN A 298 -9.20 17.92 8.79
CA GLN A 298 -9.95 16.63 8.78
C GLN A 298 -9.06 15.35 8.90
N LEU A 299 -7.77 15.55 9.26
CA LEU A 299 -6.80 14.47 9.51
C LEU A 299 -7.35 13.45 10.49
N TYR A 300 -7.45 12.21 10.03
CA TYR A 300 -7.92 11.09 10.79
C TYR A 300 -6.77 10.22 11.30
N LEU A 301 -5.68 10.13 10.53
CA LEU A 301 -4.48 9.38 10.93
C LEU A 301 -3.21 10.08 10.49
N LEU A 302 -2.28 10.27 11.43
CA LEU A 302 -1.00 10.99 11.21
C LEU A 302 0.09 10.05 11.62
N ASP A 303 1.03 9.82 10.74
CA ASP A 303 2.19 8.97 11.03
C ASP A 303 3.42 9.62 10.47
N CYS A 304 4.26 10.14 11.37
CA CYS A 304 5.52 10.75 10.98
C CYS A 304 6.63 10.21 11.84
N GLN A 305 6.69 8.88 11.96
CA GLN A 305 7.74 8.21 12.75
C GLN A 305 9.12 8.44 12.17
N ALA A 306 10.13 8.53 13.05
CA ALA A 306 11.52 8.82 12.65
C ALA A 306 11.79 10.28 12.26
N ALA A 307 10.75 11.10 12.07
CA ALA A 307 10.88 12.52 11.69
C ALA A 307 11.56 13.34 12.79
N GLY A 308 12.34 14.34 12.39
CA GLY A 308 13.15 15.13 13.32
C GLY A 308 12.44 16.27 13.98
N ILE A 309 11.15 16.09 14.27
CA ILE A 309 10.29 17.14 14.83
C ILE A 309 10.55 17.26 16.34
N THR A 310 10.93 18.45 16.79
CA THR A 310 11.11 18.71 18.25
C THR A 310 9.76 19.06 18.94
N GLU A 311 8.74 19.39 18.13
CA GLU A 311 7.38 19.63 18.60
C GLU A 311 6.38 19.35 17.50
N LEU A 312 5.08 19.38 17.82
CA LEU A 312 4.04 19.22 16.81
C LEU A 312 2.74 19.81 17.30
N ASP A 313 2.28 20.87 16.66
CA ASP A 313 1.04 21.55 17.04
C ASP A 313 -0.16 20.76 16.53
N LEU A 314 -0.80 20.01 17.42
CA LEU A 314 -2.00 19.21 17.08
C LEU A 314 -3.36 19.87 17.45
N SER A 315 -3.35 21.16 17.81
CA SER A 315 -4.60 21.87 18.21
C SER A 315 -5.72 21.82 17.16
N GLN A 316 -5.34 21.97 15.89
CA GLN A 316 -6.30 22.05 14.77
C GLN A 316 -6.82 20.73 14.17
N ASN A 317 -6.45 19.58 14.75
CA ASN A 317 -6.78 18.26 14.25
C ASN A 317 -7.80 17.47 15.15
N PRO A 318 -9.06 17.95 15.26
CA PRO A 318 -10.04 17.33 16.17
C PRO A 318 -10.45 15.90 15.88
N LYS A 319 -10.29 15.50 14.62
CA LYS A 319 -10.81 14.23 14.13
C LYS A 319 -9.82 13.06 14.29
N LEU A 320 -8.52 13.39 14.47
CA LEU A 320 -7.48 12.38 14.75
C LEU A 320 -7.87 11.24 15.72
N VAL A 321 -7.89 10.01 15.16
CA VAL A 321 -8.10 8.77 15.87
C VAL A 321 -6.79 7.93 16.02
N TYR A 322 -5.83 8.11 15.13
CA TYR A 322 -4.62 7.31 15.09
C TYR A 322 -3.43 8.20 14.88
N LEU A 323 -2.54 8.28 15.88
CA LEU A 323 -1.34 9.14 15.83
C LEU A 323 -0.09 8.34 16.19
N TYR A 324 0.93 8.38 15.33
CA TYR A 324 2.17 7.60 15.45
C TYR A 324 3.38 8.51 15.40
N LEU A 325 3.95 8.77 16.60
CA LEU A 325 5.10 9.66 16.82
C LEU A 325 6.35 8.92 17.33
N ASN A 326 6.34 7.58 17.26
CA ASN A 326 7.49 6.79 17.64
C ASN A 326 8.75 7.25 16.91
N ASN A 327 9.87 7.08 17.59
CA ASN A 327 11.14 7.31 16.99
C ASN A 327 11.38 8.77 16.50
N THR A 328 10.58 9.73 16.96
CA THR A 328 10.79 11.13 16.60
C THR A 328 11.79 11.79 17.58
N GLU A 329 12.14 13.04 17.30
CA GLU A 329 13.02 13.88 18.13
C GLU A 329 12.24 14.82 19.09
N LEU A 330 10.93 14.58 19.28
CA LEU A 330 10.06 15.38 20.16
C LEU A 330 10.58 15.43 21.59
N THR A 331 10.59 16.63 22.15
CA THR A 331 10.90 16.89 23.57
C THR A 331 9.68 17.42 24.31
N GLU A 332 8.51 17.29 23.71
CA GLU A 332 7.26 17.83 24.23
C GLU A 332 6.08 17.26 23.43
N LEU A 333 5.01 16.92 24.13
CA LEU A 333 3.81 16.29 23.55
C LEU A 333 2.59 16.94 24.13
N ASP A 334 1.59 17.18 23.31
CA ASP A 334 0.35 17.81 23.75
C ASP A 334 -0.81 17.40 22.86
N VAL A 335 -1.56 16.41 23.32
CA VAL A 335 -2.72 15.86 22.60
C VAL A 335 -4.06 16.21 23.25
N SER A 336 -4.11 17.32 24.00
CA SER A 336 -5.33 17.66 24.78
C SER A 336 -6.60 17.98 23.91
N HIS A 337 -6.36 18.58 22.72
CA HIS A 337 -7.45 18.93 21.75
C HIS A 337 -7.86 17.78 20.81
N ASN A 338 -7.14 16.65 20.92
CA ASN A 338 -7.32 15.49 20.09
C ASN A 338 -8.12 14.46 20.87
N THR A 339 -9.39 14.79 21.15
CA THR A 339 -10.22 13.91 21.99
C THR A 339 -10.68 12.64 21.30
N LYS A 340 -10.53 12.50 19.98
CA LYS A 340 -10.96 11.23 19.31
C LYS A 340 -9.93 10.08 19.27
N LEU A 341 -8.74 10.33 19.78
CA LEU A 341 -7.63 9.38 19.73
C LEU A 341 -7.87 8.02 20.42
N LYS A 342 -7.89 6.95 19.62
CA LYS A 342 -7.97 5.57 20.12
C LYS A 342 -6.58 4.99 20.32
N SER A 343 -5.60 5.43 19.52
CA SER A 343 -4.24 4.92 19.59
C SER A 343 -3.24 6.06 19.49
N LEU A 344 -2.35 6.15 20.48
CA LEU A 344 -1.21 7.06 20.48
C LEU A 344 0.02 6.22 20.82
N SER A 345 1.13 6.55 20.17
CA SER A 345 2.38 5.85 20.35
C SER A 345 3.53 6.83 20.18
N CYS A 346 4.43 6.93 21.17
CA CYS A 346 5.60 7.81 21.06
C CYS A 346 6.85 7.23 21.78
N VAL A 347 7.14 5.96 21.45
CA VAL A 347 8.35 5.25 21.89
C VAL A 347 9.64 5.96 21.36
N ASN A 348 10.77 5.83 22.04
CA ASN A 348 12.07 6.43 21.58
C ASN A 348 12.05 7.90 21.23
N ALA A 349 11.46 8.73 22.06
CA ALA A 349 11.50 10.18 21.84
C ALA A 349 12.35 10.78 22.96
N HIS A 350 12.17 12.07 23.26
CA HIS A 350 12.89 12.73 24.35
C HIS A 350 11.90 13.50 25.21
N ILE A 351 10.79 12.83 25.53
CA ILE A 351 9.67 13.43 26.26
C ILE A 351 9.80 13.14 27.78
N GLN A 352 9.37 14.12 28.58
CA GLN A 352 9.37 14.06 30.04
C GLN A 352 7.97 14.14 30.59
N ASP A 353 7.23 15.19 30.21
CA ASP A 353 5.87 15.43 30.69
C ASP A 353 4.81 14.79 29.79
N PHE A 354 4.17 13.74 30.28
CA PHE A 354 3.07 13.06 29.54
C PHE A 354 1.67 13.45 30.01
N SER A 355 1.55 14.52 30.83
CA SER A 355 0.26 14.92 31.51
C SER A 355 -0.95 15.17 30.60
N SER A 356 -0.70 15.55 29.35
CA SER A 356 -1.76 15.82 28.36
C SER A 356 -2.51 14.58 27.88
N VAL A 357 -1.88 13.41 27.95
CA VAL A 357 -2.47 12.15 27.48
C VAL A 357 -3.63 11.64 28.34
N GLY A 358 -3.55 11.90 29.65
CA GLY A 358 -4.60 11.54 30.57
C GLY A 358 -5.89 12.32 30.33
N LYS A 359 -5.79 13.45 29.58
CA LYS A 359 -6.95 14.22 29.06
C LYS A 359 -7.87 13.38 28.18
N ILE A 360 -7.29 12.36 27.52
CA ILE A 360 -8.03 11.43 26.66
C ILE A 360 -8.08 10.12 27.42
N PRO A 361 -9.23 9.78 28.05
CA PRO A 361 -9.36 8.47 28.77
C PRO A 361 -9.25 7.14 27.96
N ALA A 362 -9.64 7.10 26.67
CA ALA A 362 -9.45 5.85 25.82
C ALA A 362 -7.95 5.46 25.72
N LEU A 363 -7.09 6.48 25.76
CA LEU A 363 -5.63 6.32 25.79
C LEU A 363 -5.07 5.87 27.15
N ASN A 364 -5.85 5.90 28.26
CA ASN A 364 -5.41 5.39 29.60
C ASN A 364 -4.68 4.05 29.48
N ASN A 365 -5.28 3.12 28.71
CA ASN A 365 -4.67 1.81 28.41
C ASN A 365 -3.84 1.83 27.08
N ASN A 366 -4.47 2.08 25.91
CA ASN A 366 -3.79 2.02 24.54
C ASN A 366 -2.69 3.08 24.26
N PHE A 367 -1.62 3.01 25.05
CA PHE A 367 -0.59 4.07 25.07
C PHE A 367 0.80 3.53 25.39
N GLU A 368 1.72 3.85 24.47
CA GLU A 368 3.09 3.42 24.48
C GLU A 368 4.03 4.61 24.43
N ALA A 369 4.90 4.72 25.42
CA ALA A 369 5.90 5.79 25.46
C ALA A 369 7.23 5.37 26.13
N GLU A 370 7.62 4.12 25.89
CA GLU A 370 8.91 3.58 26.44
C GLU A 370 10.16 4.11 25.66
N GLY A 371 11.34 3.83 26.18
CA GLY A 371 12.61 4.20 25.53
C GLY A 371 12.96 5.68 25.41
N GLN A 372 12.37 6.52 26.27
CA GLN A 372 12.67 7.96 26.24
C GLN A 372 14.15 8.19 26.61
N THR A 373 14.74 9.21 26.01
CA THR A 373 16.13 9.56 26.21
C THR A 373 16.22 11.11 26.47
N ILE A 374 16.44 11.46 27.75
CA ILE A 374 16.58 12.85 28.21
C ILE A 374 18.04 13.17 28.55
N THR A 375 18.45 14.40 28.23
CA THR A 375 19.82 14.89 28.41
C THR A 375 19.78 16.26 29.12
N MET A 376 20.37 16.30 30.32
CA MET A 376 20.39 17.46 31.19
C MET A 376 21.67 18.26 31.09
N PRO A 377 21.67 19.51 31.62
CA PRO A 377 22.96 20.26 31.71
C PRO A 377 23.87 19.70 32.83
N LYS A 378 25.18 19.66 32.55
CA LYS A 378 26.19 19.09 33.46
C LYS A 378 26.41 19.93 34.72
N GLU A 379 26.71 19.23 35.85
CA GLU A 379 27.11 19.82 37.14
C GLU A 379 28.65 19.61 37.35
N THR A 380 29.18 20.12 38.48
CA THR A 380 30.55 19.88 38.94
C THR A 380 30.40 18.99 40.16
N LEU A 381 31.43 18.22 40.46
CA LEU A 381 31.44 17.41 41.68
C LEU A 381 31.70 18.31 42.93
N THR A 382 31.47 17.72 44.09
CA THR A 382 31.76 18.33 45.41
C THR A 382 32.20 17.12 46.27
N ASN A 383 33.50 17.08 46.61
CA ASN A 383 34.20 15.90 47.18
C ASN A 383 34.21 14.82 46.05
N ASN A 384 34.01 13.54 46.39
CA ASN A 384 33.88 12.46 45.41
C ASN A 384 32.37 12.12 45.22
N SER A 385 31.52 13.17 45.20
CA SER A 385 30.06 13.02 45.23
C SER A 385 29.27 14.05 44.38
N LEU A 386 27.98 13.80 44.27
CA LEU A 386 27.03 14.67 43.51
C LEU A 386 25.57 14.47 43.92
N THR A 387 24.90 15.56 44.31
CA THR A 387 23.43 15.54 44.49
C THR A 387 22.83 16.36 43.35
N ILE A 388 21.69 15.89 42.86
CA ILE A 388 20.91 16.63 41.84
C ILE A 388 19.43 16.52 42.17
N ALA A 389 18.67 17.50 41.72
CA ALA A 389 17.22 17.48 41.82
C ALA A 389 16.74 16.64 40.64
N VAL A 390 15.81 15.72 40.91
CA VAL A 390 15.14 14.94 39.85
C VAL A 390 14.32 15.97 39.07
N SER A 391 14.41 15.94 37.71
CA SER A 391 13.68 16.89 36.85
C SER A 391 12.17 16.99 37.21
N PRO A 392 11.67 18.22 37.51
CA PRO A 392 10.21 18.39 37.80
C PRO A 392 9.25 18.09 36.61
N ASP A 393 9.77 18.19 35.38
CA ASP A 393 8.99 17.87 34.17
C ASP A 393 8.69 16.38 34.00
N LEU A 394 9.39 15.49 34.73
CA LEU A 394 9.05 14.05 34.72
C LEU A 394 7.68 13.83 35.39
N LEU A 395 6.65 13.89 34.58
CA LEU A 395 5.26 13.73 35.01
C LEU A 395 4.58 12.73 34.06
N ASP A 396 3.77 11.83 34.63
CA ASP A 396 3.19 10.73 33.86
C ASP A 396 1.93 11.19 33.11
N GLN A 397 1.22 10.21 32.57
CA GLN A 397 -0.07 10.31 31.86
C GLN A 397 -1.11 11.16 32.57
N PHE A 398 -1.15 11.07 33.90
CA PHE A 398 -2.11 11.82 34.79
C PHE A 398 -1.46 12.89 35.69
N GLY A 399 -0.27 13.36 35.31
CA GLY A 399 0.48 14.41 36.02
C GLY A 399 0.94 14.07 37.42
N ASN A 400 1.21 12.77 37.66
CA ASN A 400 1.79 12.22 38.89
C ASN A 400 3.29 12.00 38.77
N PRO A 401 4.03 12.00 39.90
CA PRO A 401 5.46 11.57 39.79
C PRO A 401 5.63 10.12 39.28
N MET A 402 6.77 9.88 38.64
CA MET A 402 7.15 8.54 38.20
C MET A 402 8.20 7.91 39.17
N ASN A 403 8.42 6.62 38.99
CA ASN A 403 9.28 5.83 39.85
C ASN A 403 10.67 6.05 39.40
N ILE A 404 11.60 6.33 40.33
CA ILE A 404 13.00 6.62 40.00
C ILE A 404 13.96 5.47 40.44
N GLU A 405 14.61 4.81 39.48
CA GLU A 405 15.59 3.72 39.71
C GLU A 405 16.97 4.24 39.27
N PRO A 406 17.76 4.78 40.21
CA PRO A 406 19.11 5.28 39.82
C PRO A 406 20.10 4.22 39.30
N GLY A 407 20.94 4.61 38.33
CA GLY A 407 22.07 3.78 37.76
C GLY A 407 23.02 3.58 38.92
N ASP A 408 22.77 2.52 39.63
CA ASP A 408 23.01 2.54 41.05
C ASP A 408 24.45 2.46 41.57
N GLY A 409 24.81 3.60 42.09
CA GLY A 409 25.53 3.73 43.34
C GLY A 409 24.64 4.77 44.17
N GLY A 410 23.52 5.21 43.54
CA GLY A 410 22.74 6.40 43.86
C GLY A 410 21.45 6.14 44.60
N VAL A 411 21.21 6.96 45.63
CA VAL A 411 20.08 6.84 46.52
C VAL A 411 19.12 7.96 46.22
N TYR A 412 17.97 7.58 45.66
CA TYR A 412 16.85 8.48 45.50
C TYR A 412 16.31 8.80 46.87
N ASP A 413 16.14 10.10 47.16
CA ASP A 413 15.48 10.61 48.37
C ASP A 413 14.14 11.18 47.91
N GLN A 414 13.03 10.57 48.33
CA GLN A 414 11.70 11.03 47.93
C GLN A 414 11.33 12.44 48.48
N ALA A 415 11.61 12.65 49.78
CA ALA A 415 11.34 13.94 50.46
C ALA A 415 11.81 15.12 49.60
N THR A 416 13.12 15.10 49.33
CA THR A 416 13.83 16.12 48.56
C THR A 416 13.76 15.91 47.03
N ASN A 417 13.42 14.72 46.57
CA ASN A 417 13.29 14.39 45.15
C ASN A 417 14.63 14.73 44.48
N THR A 418 15.65 14.11 45.08
CA THR A 418 17.04 14.25 44.68
C THR A 418 17.67 12.87 44.62
N ILE A 419 18.76 12.76 43.89
CA ILE A 419 19.60 11.54 43.89
C ILE A 419 20.96 11.96 44.42
N THR A 420 21.56 11.10 45.23
CA THR A 420 22.92 11.29 45.71
C THR A 420 23.68 10.01 45.46
N TRP A 421 24.68 10.09 44.60
CA TRP A 421 25.62 9.00 44.34
C TRP A 421 26.85 9.21 45.22
N GLU A 422 27.41 8.12 45.75
CA GLU A 422 28.64 8.16 46.52
C GLU A 422 29.75 7.64 45.63
N ASN A 423 30.99 8.09 45.87
CA ASN A 423 32.23 7.65 45.11
C ASN A 423 32.18 7.77 43.54
N LEU A 424 32.03 9.00 43.03
CA LEU A 424 31.96 9.28 41.57
C LEU A 424 33.33 9.69 41.03
N SER A 425 33.68 9.14 39.86
CA SER A 425 34.98 9.34 39.21
C SER A 425 34.88 10.04 37.84
N THR A 426 35.82 10.97 37.61
CA THR A 426 35.97 11.69 36.33
C THR A 426 36.33 10.71 35.16
N ASP A 427 36.83 9.52 35.54
CA ASP A 427 37.00 8.41 34.60
C ASP A 427 35.68 7.99 33.93
N ASN A 428 34.56 8.09 34.65
CA ASN A 428 33.20 7.76 34.15
C ASN A 428 32.27 9.01 34.28
N PRO A 429 32.42 9.99 33.33
CA PRO A 429 31.85 11.38 33.40
C PRO A 429 30.32 11.65 33.35
N ALA A 430 29.50 10.82 34.00
CA ALA A 430 28.04 11.06 34.05
C ALA A 430 27.33 10.17 35.04
N VAL A 431 26.09 10.52 35.32
CA VAL A 431 25.23 9.73 36.22
C VAL A 431 23.85 9.67 35.61
N THR A 432 23.21 8.50 35.72
CA THR A 432 21.88 8.25 35.10
C THR A 432 20.84 7.70 36.06
N TYR A 433 19.56 7.90 35.73
CA TYR A 433 18.43 7.26 36.45
C TYR A 433 17.27 6.95 35.50
N THR A 434 16.74 5.72 35.59
CA THR A 434 15.55 5.32 34.82
C THR A 434 14.33 5.88 35.51
N PHE A 435 13.30 6.13 34.73
CA PHE A 435 11.98 6.45 35.27
C PHE A 435 10.94 5.57 34.62
N THR A 436 9.94 5.15 35.39
CA THR A 436 8.85 4.29 34.92
C THR A 436 7.59 4.74 35.56
N SER A 437 6.52 4.77 34.77
CA SER A 437 5.20 5.11 35.28
C SER A 437 4.65 3.91 35.97
N GLU A 438 3.74 4.15 36.91
CA GLU A 438 3.04 3.06 37.59
C GLU A 438 2.20 2.21 36.60
N ASN A 439 1.63 2.75 35.52
CA ASN A 439 0.93 1.84 34.56
C ASN A 439 1.92 1.08 33.62
N GLY A 440 3.21 1.45 33.66
CA GLY A 440 4.24 0.88 32.77
C GLY A 440 4.17 1.31 31.27
N ALA A 441 3.36 2.32 30.93
CA ALA A 441 3.29 2.86 29.56
C ALA A 441 4.48 3.77 29.21
N ILE A 442 5.10 4.38 30.22
CA ILE A 442 6.16 5.34 30.03
C ILE A 442 7.42 4.78 30.70
N VAL A 443 8.54 4.83 29.99
CA VAL A 443 9.86 4.40 30.51
C VAL A 443 10.97 5.21 29.82
N GLY A 444 11.94 5.69 30.59
CA GLY A 444 13.05 6.46 30.02
C GLY A 444 14.24 6.60 30.91
N THR A 445 15.23 7.35 30.46
CA THR A 445 16.47 7.60 31.20
C THR A 445 16.86 9.08 31.15
N VAL A 446 17.44 9.59 32.25
CA VAL A 446 17.91 10.99 32.35
C VAL A 446 19.45 11.06 32.66
N THR A 447 20.24 11.15 31.59
CA THR A 447 21.70 11.26 31.71
C THR A 447 22.07 12.72 32.11
N THR A 448 22.89 12.83 33.17
CA THR A 448 23.35 14.09 33.70
C THR A 448 24.88 14.02 33.73
N PRO A 449 25.60 14.74 32.81
CA PRO A 449 27.09 14.68 32.86
C PRO A 449 27.68 15.43 34.07
N PHE A 450 28.99 15.25 34.31
CA PHE A 450 29.70 15.98 35.40
C PHE A 450 31.24 16.31 35.17
N GLU A 451 31.65 17.33 35.92
CA GLU A 451 33.01 17.89 35.95
C GLU A 451 33.54 18.35 34.56
S SO4 B . -18.73 -19.59 -5.70
O1 SO4 B . -17.79 -20.61 -5.25
O2 SO4 B . -19.36 -19.01 -4.52
O3 SO4 B . -18.01 -18.54 -6.46
O4 SO4 B . -19.78 -20.24 -6.50
CL CL C . -23.85 -41.17 -19.42
#